data_2O1C
#
_entry.id   2O1C
#
_cell.length_a   124.104
_cell.length_b   42.579
_cell.length_c   106.467
_cell.angle_alpha   90.00
_cell.angle_beta   115.69
_cell.angle_gamma   90.00
#
_symmetry.space_group_name_H-M   'C 1 2 1'
#
loop_
_entity.id
_entity.type
_entity.pdbx_description
1 polymer 'dATP pyrophosphohydrolase'
2 non-polymer 'SULFATE ION'
3 non-polymer PYROPHOSPHATE
4 water water
#
_entity_poly.entity_id   1
_entity_poly.type   'polypeptide(L)'
_entity_poly.pdbx_seq_one_letter_code
;MKDKVYKRPVSILVVIYAQDTKRVLMLQRRDDPDFWQSVTGSVEEGETAPQAAMREVKEEVTIDVVAEQLTLIDCQRTVE
FEIFSHLRHRYAPGVTRNTESWFCLALPHERQIVFTEHLAYKWLDAPAAAALTKSWSNRQAIEQFVINAA
;
_entity_poly.pdbx_strand_id   A,B,C,D
#
loop_
_chem_comp.id
_chem_comp.type
_chem_comp.name
_chem_comp.formula
PPV non-polymer PYROPHOSPHATE 'H4 O7 P2'
SO4 non-polymer 'SULFATE ION' 'O4 S -2'
#
# COMPACT_ATOMS: atom_id res chain seq x y z
N LYS A 2 22.40 24.24 24.16
CA LYS A 2 21.66 25.45 23.70
C LYS A 2 20.15 25.25 23.79
N ASP A 3 19.39 26.33 23.67
CA ASP A 3 17.93 26.25 23.59
C ASP A 3 17.54 25.42 22.38
N LYS A 4 16.39 24.76 22.45
CA LYS A 4 15.86 24.04 21.31
C LYS A 4 15.86 24.98 20.12
N VAL A 5 16.40 24.50 19.01
CA VAL A 5 16.46 25.30 17.80
C VAL A 5 15.04 25.58 17.32
N TYR A 6 14.89 26.65 16.54
CA TYR A 6 13.58 27.04 16.03
C TYR A 6 13.02 25.94 15.14
N LYS A 7 11.70 25.78 15.19
CA LYS A 7 10.98 24.98 14.22
C LYS A 7 11.09 25.66 12.87
N ARG A 8 11.10 24.87 11.81
CA ARG A 8 11.16 25.41 10.47
C ARG A 8 9.73 25.57 9.95
N PRO A 9 9.44 26.71 9.30
CA PRO A 9 8.12 26.98 8.74
C PRO A 9 7.83 26.28 7.40
N VAL A 10 8.48 25.14 7.20
CA VAL A 10 8.19 24.22 6.10
C VAL A 10 7.98 22.88 6.80
N SER A 11 6.80 22.29 6.61
CA SER A 11 6.38 21.16 7.45
C SER A 11 5.69 20.07 6.63
N ILE A 12 5.43 18.93 7.28
CA ILE A 12 4.61 17.85 6.71
C ILE A 12 3.45 17.53 7.66
N LEU A 13 2.43 16.90 7.07
CA LEU A 13 1.28 16.38 7.78
C LEU A 13 1.09 14.94 7.27
N VAL A 14 1.00 14.00 8.19
CA VAL A 14 0.68 12.62 7.78
C VAL A 14 -0.63 12.20 8.45
N VAL A 15 -1.68 12.08 7.64
CA VAL A 15 -2.96 11.59 8.11
C VAL A 15 -2.90 10.07 8.18
N ILE A 16 -2.79 9.57 9.40
CA ILE A 16 -2.81 8.14 9.67
C ILE A 16 -4.23 7.68 9.93
N TYR A 17 -4.65 6.66 9.18
CA TYR A 17 -5.94 6.02 9.42
C TYR A 17 -5.88 4.51 9.26
N ALA A 18 -6.96 3.83 9.67
CA ALA A 18 -7.09 2.40 9.51
C ALA A 18 -7.95 2.07 8.28
N GLN A 19 -7.38 1.30 7.37
CA GLN A 19 -8.09 0.90 6.15
C GLN A 19 -9.38 0.12 6.46
N ASP A 20 -9.35 -0.70 7.50
CA ASP A 20 -10.50 -1.56 7.79
C ASP A 20 -11.69 -0.80 8.39
N THR A 21 -11.44 0.01 9.42
CA THR A 21 -12.50 0.79 10.10
C THR A 21 -12.73 2.18 9.54
N LYS A 22 -11.74 2.70 8.80
CA LYS A 22 -11.68 4.10 8.35
C LYS A 22 -11.63 5.12 9.49
N ARG A 23 -11.22 4.68 10.68
CA ARG A 23 -11.03 5.62 11.78
C ARG A 23 -9.66 6.27 11.63
N VAL A 24 -9.57 7.50 12.12
CA VAL A 24 -8.39 8.36 12.01
C VAL A 24 -7.71 8.45 13.38
N LEU A 25 -6.39 8.33 13.35
CA LEU A 25 -5.56 8.40 14.55
C LEU A 25 -5.36 9.86 14.96
N MET A 26 -5.95 10.25 16.08
CA MET A 26 -5.83 11.63 16.57
C MET A 26 -4.99 11.69 17.84
N LEU A 27 -4.09 12.67 17.91
CA LEU A 27 -3.07 12.74 18.93
C LEU A 27 -3.14 14.09 19.64
N GLN A 28 -3.11 14.04 20.96
CA GLN A 28 -3.24 15.21 21.82
C GLN A 28 -1.88 15.89 22.05
N ARG A 29 -1.75 17.12 21.58
CA ARG A 29 -0.50 17.87 21.72
C ARG A 29 -0.15 18.20 23.17
N ARG A 30 1.14 18.32 23.45
CA ARG A 30 1.63 18.60 24.80
C ARG A 30 1.83 20.10 25.04
N ASP A 31 1.91 20.89 23.96
CA ASP A 31 2.01 22.36 24.05
C ASP A 31 0.65 23.03 24.18
N ASP A 32 -0.32 22.54 23.40
CA ASP A 32 -1.72 22.94 23.45
C ASP A 32 -2.57 21.67 23.61
N PRO A 33 -2.87 21.27 24.86
CA PRO A 33 -3.66 20.06 25.12
C PRO A 33 -5.07 20.04 24.53
N ASP A 34 -5.56 21.19 24.05
CA ASP A 34 -6.85 21.25 23.32
C ASP A 34 -6.73 20.90 21.83
N PHE A 35 -5.49 20.79 21.36
CA PHE A 35 -5.19 20.65 19.95
C PHE A 35 -4.88 19.19 19.67
N TRP A 36 -5.85 18.47 19.10
CA TRP A 36 -5.69 17.09 18.65
C TRP A 36 -5.43 17.11 17.15
N GLN A 37 -4.58 16.21 16.68
CA GLN A 37 -4.08 16.27 15.31
C GLN A 37 -3.55 14.93 14.84
N SER A 38 -3.41 14.83 13.52
CA SER A 38 -2.57 13.82 12.89
C SER A 38 -1.10 14.18 13.14
N VAL A 39 -0.19 13.40 12.57
CA VAL A 39 1.25 13.62 12.76
C VAL A 39 1.71 14.85 11.96
N THR A 40 2.42 15.75 12.63
CA THR A 40 3.04 16.89 11.94
C THR A 40 4.50 17.07 12.36
N GLY A 41 5.25 17.78 11.52
CA GLY A 41 6.60 18.19 11.93
C GLY A 41 7.33 18.97 10.86
N SER A 42 8.44 19.58 11.25
CA SER A 42 9.30 20.36 10.34
C SER A 42 10.08 19.49 9.37
N VAL A 43 10.24 19.97 8.14
CA VAL A 43 11.21 19.40 7.20
C VAL A 43 12.55 20.05 7.52
N GLU A 44 13.48 19.25 8.05
CA GLU A 44 14.75 19.78 8.52
C GLU A 44 15.73 19.93 7.36
N GLU A 45 16.71 20.81 7.53
CA GLU A 45 17.79 20.96 6.56
C GLU A 45 18.38 19.59 6.23
N GLY A 46 18.52 19.30 4.94
CA GLY A 46 19.16 18.07 4.51
C GLY A 46 18.21 16.91 4.28
N GLU A 47 16.94 17.08 4.63
CA GLU A 47 15.95 16.04 4.29
C GLU A 47 14.88 16.56 3.34
N THR A 48 14.21 15.63 2.69
CA THR A 48 13.08 15.95 1.81
C THR A 48 11.78 15.79 2.61
N ALA A 49 10.66 16.28 2.05
CA ALA A 49 9.37 16.15 2.74
C ALA A 49 8.96 14.68 2.97
N PRO A 50 9.09 13.79 1.95
CA PRO A 50 8.74 12.38 2.24
C PRO A 50 9.58 11.79 3.40
N GLN A 51 10.87 12.13 3.41
CA GLN A 51 11.79 11.70 4.47
C GLN A 51 11.42 12.24 5.84
N ALA A 52 11.00 13.51 5.88
CA ALA A 52 10.53 14.13 7.10
C ALA A 52 9.28 13.43 7.59
N ALA A 53 8.34 13.15 6.67
CA ALA A 53 7.11 12.41 7.01
C ALA A 53 7.41 11.07 7.65
N MET A 54 8.37 10.34 7.10
CA MET A 54 8.71 9.01 7.61
C MET A 54 9.34 9.08 9.00
N ARG A 55 10.28 10.01 9.15
CA ARG A 55 10.96 10.25 10.42
C ARG A 55 9.96 10.62 11.52
N GLU A 56 9.08 11.58 11.23
CA GLU A 56 8.09 12.04 12.23
C GLU A 56 7.11 10.94 12.63
N VAL A 57 6.67 10.14 11.66
CA VAL A 57 5.77 9.01 11.96
C VAL A 57 6.46 8.04 12.93
N LYS A 58 7.73 7.75 12.66
CA LYS A 58 8.55 6.90 13.52
C LYS A 58 8.79 7.51 14.90
N GLU A 59 9.15 8.79 14.92
CA GLU A 59 9.48 9.50 16.17
C GLU A 59 8.25 9.70 17.06
N GLU A 60 7.13 10.06 16.44
CA GLU A 60 5.93 10.41 17.20
C GLU A 60 5.02 9.24 17.58
N VAL A 61 4.89 8.25 16.70
CA VAL A 61 3.94 7.14 16.95
C VAL A 61 4.58 5.76 16.78
N THR A 62 5.91 5.74 16.65
CA THR A 62 6.69 4.50 16.63
C THR A 62 6.19 3.51 15.57
N ILE A 63 5.86 4.05 14.40
CA ILE A 63 5.53 3.24 13.24
C ILE A 63 6.60 3.47 12.19
N ASP A 64 7.22 2.37 11.79
CA ASP A 64 8.29 2.43 10.81
C ASP A 64 7.70 2.01 9.47
N VAL A 65 7.44 3.02 8.62
CA VAL A 65 6.78 2.81 7.33
C VAL A 65 7.58 1.89 6.41
N VAL A 66 8.88 2.14 6.34
CA VAL A 66 9.79 1.33 5.54
C VAL A 66 9.83 -0.13 6.06
N ALA A 67 9.95 -0.28 7.37
CA ALA A 67 10.03 -1.61 7.98
C ALA A 67 8.73 -2.41 7.86
N GLU A 68 7.59 -1.73 7.92
CA GLU A 68 6.31 -2.41 7.81
C GLU A 68 5.84 -2.57 6.36
N GLN A 69 6.64 -2.04 5.42
CA GLN A 69 6.32 -2.05 3.99
C GLN A 69 4.94 -1.44 3.71
N LEU A 70 4.60 -0.41 4.47
CA LEU A 70 3.36 0.34 4.27
C LEU A 70 3.56 1.38 3.16
N THR A 71 2.46 1.91 2.64
CA THR A 71 2.52 2.88 1.54
C THR A 71 2.31 4.29 2.09
N LEU A 72 3.36 5.10 2.08
CA LEU A 72 3.24 6.51 2.47
C LEU A 72 2.71 7.25 1.24
N ILE A 73 1.45 7.63 1.27
CA ILE A 73 0.82 8.26 0.11
C ILE A 73 1.16 9.75 0.08
N ASP A 74 1.80 10.19 -0.99
CA ASP A 74 2.02 11.62 -1.21
C ASP A 74 0.74 12.18 -1.83
N CYS A 75 0.06 13.06 -1.08
CA CYS A 75 -1.19 13.63 -1.54
C CYS A 75 -1.02 14.64 -2.68
N GLN A 76 0.23 15.05 -2.91
CA GLN A 76 0.57 16.10 -3.87
C GLN A 76 -0.28 17.35 -3.64
N ARG A 77 -0.38 17.73 -2.36
CA ARG A 77 -1.06 18.96 -1.94
C ARG A 77 -0.13 19.67 -0.97
N THR A 78 0.01 20.96 -1.18
CA THR A 78 0.77 21.80 -0.26
C THR A 78 -0.13 22.99 0.06
N VAL A 79 -0.25 23.34 1.34
CA VAL A 79 -1.00 24.56 1.70
C VAL A 79 -0.13 25.47 2.54
N GLU A 80 -0.56 26.71 2.71
CA GLU A 80 0.08 27.65 3.63
C GLU A 80 -0.94 28.17 4.64
N PHE A 81 -0.52 28.27 5.90
CA PHE A 81 -1.43 28.77 6.92
C PHE A 81 -0.73 29.62 7.99
N GLU A 82 -1.53 30.45 8.68
CA GLU A 82 -1.03 31.27 9.79
C GLU A 82 -0.72 30.41 11.01
N ILE A 83 0.52 30.49 11.49
CA ILE A 83 0.90 29.76 12.70
C ILE A 83 0.04 30.29 13.86
N PHE A 84 -0.54 29.38 14.64
CA PHE A 84 -1.34 29.77 15.80
C PHE A 84 -0.51 30.70 16.68
N SER A 85 -1.10 31.83 17.05
CA SER A 85 -0.44 32.88 17.84
C SER A 85 0.29 32.32 19.06
N HIS A 86 -0.39 31.44 19.79
CA HIS A 86 0.12 30.90 21.05
C HIS A 86 1.20 29.84 20.86
N LEU A 87 1.48 29.46 19.60
CA LEU A 87 2.52 28.45 19.30
C LEU A 87 3.69 29.01 18.46
N ARG A 88 3.60 30.30 18.11
CA ARG A 88 4.56 30.94 17.23
C ARG A 88 5.94 31.12 17.88
N HIS A 89 6.00 31.04 19.21
CA HIS A 89 7.24 31.24 19.99
C HIS A 89 8.36 30.27 19.62
N ARG A 90 8.00 29.13 19.04
CA ARG A 90 8.98 28.12 18.64
C ARG A 90 9.60 28.37 17.27
N TYR A 91 9.12 29.41 16.58
CA TYR A 91 9.66 29.79 15.26
C TYR A 91 10.53 31.03 15.34
N ALA A 92 11.39 31.20 14.34
CA ALA A 92 12.32 32.32 14.32
C ALA A 92 11.59 33.67 14.32
N PRO A 93 12.23 34.71 14.87
CA PRO A 93 11.59 36.03 14.89
C PRO A 93 11.06 36.43 13.50
N GLY A 94 9.82 36.91 13.45
CA GLY A 94 9.22 37.37 12.20
C GLY A 94 8.42 36.31 11.47
N VAL A 95 8.66 35.05 11.80
CA VAL A 95 7.99 33.93 11.13
C VAL A 95 6.55 33.84 11.61
N THR A 96 5.60 33.85 10.68
CA THR A 96 4.15 33.72 10.97
C THR A 96 3.40 32.74 10.07
N ARG A 97 4.02 32.36 8.95
CA ARG A 97 3.40 31.53 7.89
C ARG A 97 4.08 30.16 7.87
N ASN A 98 3.30 29.08 7.91
CA ASN A 98 3.85 27.75 7.75
C ASN A 98 3.34 27.14 6.45
N THR A 99 4.25 26.49 5.72
CA THR A 99 3.88 25.78 4.51
C THR A 99 3.91 24.30 4.86
N GLU A 100 2.81 23.61 4.56
CA GLU A 100 2.63 22.22 4.93
C GLU A 100 2.29 21.35 3.73
N SER A 101 2.99 20.22 3.60
CA SER A 101 2.72 19.25 2.55
C SER A 101 2.10 17.98 3.13
N TRP A 102 1.10 17.46 2.41
CA TRP A 102 0.25 16.40 2.93
C TRP A 102 0.60 15.02 2.43
N PHE A 103 0.51 14.07 3.37
CA PHE A 103 0.69 12.67 3.11
C PHE A 103 -0.41 11.92 3.87
N CYS A 104 -0.76 10.74 3.41
CA CYS A 104 -1.60 9.87 4.23
C CYS A 104 -0.95 8.50 4.42
N LEU A 105 -1.40 7.76 5.42
CA LEU A 105 -0.84 6.46 5.72
C LEU A 105 -1.97 5.60 6.24
N ALA A 106 -2.34 4.59 5.45
CA ALA A 106 -3.34 3.63 5.89
C ALA A 106 -2.66 2.44 6.54
N LEU A 107 -3.03 2.17 7.79
CA LEU A 107 -2.62 0.96 8.48
C LEU A 107 -3.68 -0.10 8.14
N PRO A 108 -3.30 -1.39 8.07
CA PRO A 108 -4.33 -2.40 7.74
C PRO A 108 -5.44 -2.48 8.79
N HIS A 109 -5.08 -2.23 10.04
CA HIS A 109 -6.02 -2.27 11.15
C HIS A 109 -5.68 -1.18 12.15
N GLU A 110 -6.60 -0.93 13.07
CA GLU A 110 -6.29 -0.07 14.19
C GLU A 110 -5.30 -0.82 15.06
N ARG A 111 -4.49 -0.07 15.80
CA ARG A 111 -3.58 -0.69 16.74
C ARG A 111 -3.41 0.22 17.93
N GLN A 112 -3.01 -0.38 19.05
CA GLN A 112 -2.52 0.41 20.17
C GLN A 112 -1.30 1.18 19.68
N ILE A 113 -1.18 2.42 20.15
CA ILE A 113 -0.14 3.32 19.70
C ILE A 113 0.83 3.67 20.83
N VAL A 114 2.11 3.48 20.57
CA VAL A 114 3.13 4.00 21.47
C VAL A 114 3.55 5.40 21.02
N PHE A 115 3.02 6.38 21.72
CA PHE A 115 3.27 7.79 21.43
C PHE A 115 4.34 8.32 22.36
N THR A 116 5.12 9.27 21.86
CA THR A 116 6.31 9.71 22.58
C THR A 116 6.27 11.19 22.93
N GLU A 117 5.57 11.97 22.10
CA GLU A 117 5.61 13.42 22.20
C GLU A 117 4.24 14.01 22.53
N HIS A 118 3.18 13.23 22.33
CA HIS A 118 1.83 13.68 22.61
C HIS A 118 1.38 13.20 24.00
N LEU A 119 0.20 13.63 24.42
CA LEU A 119 -0.31 13.30 25.73
C LEU A 119 -1.20 12.06 25.74
N ALA A 120 -1.76 11.75 24.57
CA ALA A 120 -2.82 10.77 24.44
C ALA A 120 -3.14 10.56 22.97
N TYR A 121 -3.87 9.47 22.69
CA TYR A 121 -4.38 9.23 21.35
C TYR A 121 -5.80 8.66 21.38
N LYS A 122 -6.52 8.88 20.30
CA LYS A 122 -7.86 8.33 20.09
C LYS A 122 -7.98 7.90 18.64
N TRP A 123 -8.67 6.78 18.42
CA TRP A 123 -9.13 6.39 17.09
C TRP A 123 -10.56 6.90 16.93
N LEU A 124 -10.79 7.76 15.94
CA LEU A 124 -12.11 8.35 15.78
C LEU A 124 -12.62 8.21 14.36
N ASP A 125 -13.94 8.04 14.20
CA ASP A 125 -14.51 8.12 12.86
C ASP A 125 -14.05 9.44 12.19
N ALA A 126 -13.85 9.43 10.87
CA ALA A 126 -13.21 10.54 10.20
C ALA A 126 -13.93 11.89 10.36
N PRO A 127 -15.27 11.92 10.21
CA PRO A 127 -15.98 13.18 10.51
C PRO A 127 -15.73 13.71 11.93
N ALA A 128 -15.72 12.82 12.93
CA ALA A 128 -15.44 13.22 14.31
C ALA A 128 -14.03 13.78 14.46
N ALA A 129 -13.09 13.17 13.74
CA ALA A 129 -11.68 13.58 13.78
C ALA A 129 -11.49 14.95 13.17
N ALA A 130 -12.06 15.12 11.97
CA ALA A 130 -12.03 16.39 11.27
C ALA A 130 -12.68 17.50 12.09
N ALA A 131 -13.75 17.16 12.80
CA ALA A 131 -14.46 18.12 13.64
C ALA A 131 -13.66 18.52 14.89
N LEU A 132 -12.88 17.56 15.41
CA LEU A 132 -12.15 17.74 16.66
C LEU A 132 -10.91 18.62 16.49
N THR A 133 -10.16 18.40 15.40
CA THR A 133 -8.89 19.11 15.21
C THR A 133 -9.08 20.63 15.13
N LYS A 134 -8.14 21.39 15.71
CA LYS A 134 -8.12 22.85 15.56
C LYS A 134 -7.52 23.32 14.24
N SER A 135 -6.77 22.43 13.59
CA SER A 135 -6.10 22.73 12.34
C SER A 135 -7.02 22.54 11.11
N TRP A 136 -7.29 23.64 10.43
CA TRP A 136 -8.10 23.62 9.20
C TRP A 136 -7.53 22.73 8.10
N SER A 137 -6.20 22.76 7.96
CA SER A 137 -5.51 21.94 6.98
C SER A 137 -5.63 20.46 7.35
N ASN A 138 -5.43 20.13 8.62
CA ASN A 138 -5.64 18.77 9.11
C ASN A 138 -7.08 18.31 8.83
N ARG A 139 -8.07 19.18 9.10
CA ARG A 139 -9.48 18.87 8.82
C ARG A 139 -9.67 18.58 7.33
N GLN A 140 -9.17 19.48 6.48
CA GLN A 140 -9.38 19.37 5.03
C GLN A 140 -8.75 18.10 4.48
N ALA A 141 -7.58 17.73 5.02
CA ALA A 141 -6.86 16.53 4.56
C ALA A 141 -7.62 15.26 4.92
N ILE A 142 -8.18 15.23 6.13
CA ILE A 142 -9.07 14.12 6.54
C ILE A 142 -10.30 14.01 5.61
N GLU A 143 -10.93 15.13 5.33
CA GLU A 143 -12.11 15.15 4.46
C GLU A 143 -11.82 14.70 3.05
N GLN A 144 -10.72 15.16 2.47
CA GLN A 144 -10.40 14.86 1.08
C GLN A 144 -9.75 13.50 0.86
N PHE A 145 -8.98 13.01 1.84
CA PHE A 145 -8.20 11.79 1.64
C PHE A 145 -8.55 10.59 2.52
N VAL A 146 -9.48 10.77 3.45
CA VAL A 146 -10.00 9.66 4.23
C VAL A 146 -11.47 9.50 3.92
N ILE A 147 -12.26 10.53 4.23
CA ILE A 147 -13.71 10.52 4.00
C ILE A 147 -14.04 10.41 2.51
N ASN A 148 -13.36 11.24 1.72
CA ASN A 148 -13.59 11.46 0.27
C ASN A 148 -14.84 12.30 -0.04
N LYS B 4 -48.19 -19.16 7.30
CA LYS B 4 -47.14 -18.26 6.74
C LYS B 4 -46.62 -18.70 5.37
N VAL B 5 -46.63 -17.76 4.43
CA VAL B 5 -46.18 -17.96 3.05
C VAL B 5 -44.70 -18.34 3.01
N TYR B 6 -44.29 -19.14 2.04
CA TYR B 6 -42.89 -19.57 1.98
C TYR B 6 -41.98 -18.44 1.50
N LYS B 7 -40.82 -18.33 2.15
CA LYS B 7 -39.69 -17.54 1.64
C LYS B 7 -39.20 -18.19 0.35
N ARG B 8 -38.79 -17.34 -0.59
CA ARG B 8 -38.25 -17.81 -1.86
C ARG B 8 -36.74 -17.95 -1.71
N PRO B 9 -36.16 -19.04 -2.26
CA PRO B 9 -34.71 -19.21 -2.12
C PRO B 9 -33.91 -18.44 -3.18
N VAL B 10 -34.45 -17.30 -3.58
CA VAL B 10 -33.76 -16.31 -4.42
C VAL B 10 -33.91 -15.02 -3.63
N SER B 11 -32.81 -14.36 -3.32
CA SER B 11 -32.88 -13.27 -2.37
C SER B 11 -31.93 -12.15 -2.71
N ILE B 12 -32.11 -11.02 -2.01
CA ILE B 12 -31.21 -9.88 -2.15
C ILE B 12 -30.59 -9.54 -0.79
N LEU B 13 -29.44 -8.90 -0.85
CA LEU B 13 -28.76 -8.39 0.33
C LEU B 13 -28.39 -6.94 0.00
N VAL B 14 -28.80 -6.02 0.86
CA VAL B 14 -28.43 -4.60 0.69
C VAL B 14 -27.54 -4.13 1.86
N VAL B 15 -26.25 -3.96 1.58
CA VAL B 15 -25.33 -3.37 2.57
C VAL B 15 -25.53 -1.86 2.57
N ILE B 16 -26.26 -1.41 3.58
CA ILE B 16 -26.46 0.00 3.85
C ILE B 16 -25.33 0.51 4.73
N TYR B 17 -24.71 1.60 4.31
CA TYR B 17 -23.65 2.24 5.09
C TYR B 17 -23.70 3.76 4.94
N ALA B 18 -23.06 4.47 5.87
CA ALA B 18 -23.03 5.93 5.79
C ALA B 18 -21.78 6.41 5.03
N GLN B 19 -21.98 7.27 4.03
CA GLN B 19 -20.86 7.74 3.20
C GLN B 19 -19.77 8.43 4.03
N ASP B 20 -20.16 9.15 5.05
CA ASP B 20 -19.18 10.00 5.77
C ASP B 20 -18.35 9.23 6.81
N THR B 21 -19.00 8.38 7.58
CA THR B 21 -18.32 7.64 8.65
C THR B 21 -17.87 6.26 8.23
N LYS B 22 -18.52 5.75 7.18
CA LYS B 22 -18.38 4.37 6.70
C LYS B 22 -18.87 3.34 7.71
N ARG B 23 -19.74 3.75 8.64
CA ARG B 23 -20.38 2.78 9.51
C ARG B 23 -21.48 2.04 8.75
N VAL B 24 -21.68 0.77 9.12
CA VAL B 24 -22.61 -0.15 8.45
C VAL B 24 -23.84 -0.32 9.35
N LEU B 25 -25.02 -0.26 8.75
CA LEU B 25 -26.27 -0.43 9.46
C LEU B 25 -26.55 -1.91 9.67
N MET B 26 -26.65 -2.32 10.93
CA MET B 26 -26.90 -3.72 11.26
C MET B 26 -28.20 -3.83 12.04
N LEU B 27 -28.98 -4.83 11.66
CA LEU B 27 -30.33 -5.00 12.18
C LEU B 27 -30.46 -6.36 12.83
N GLN B 28 -31.12 -6.40 13.99
CA GLN B 28 -31.30 -7.63 14.77
C GLN B 28 -32.54 -8.38 14.33
N ARG B 29 -32.34 -9.57 13.80
CA ARG B 29 -33.47 -10.36 13.29
C ARG B 29 -34.38 -10.78 14.43
N ARG B 30 -35.65 -10.95 14.11
CA ARG B 30 -36.66 -11.29 15.12
C ARG B 30 -36.83 -12.80 15.24
N ASP B 31 -36.41 -13.53 14.21
CA ASP B 31 -36.53 -14.99 14.21
C ASP B 31 -35.36 -15.65 14.93
N ASP B 32 -34.18 -15.10 14.72
CA ASP B 32 -32.98 -15.50 15.42
C ASP B 32 -32.40 -14.21 15.99
N PRO B 33 -32.74 -13.88 17.26
CA PRO B 33 -32.26 -12.65 17.90
C PRO B 33 -30.73 -12.53 18.03
N ASP B 34 -30.02 -13.62 17.75
CA ASP B 34 -28.55 -13.61 17.74
C ASP B 34 -27.97 -13.23 16.36
N PHE B 35 -28.86 -13.13 15.38
CA PHE B 35 -28.51 -12.94 13.97
C PHE B 35 -28.69 -11.48 13.58
N TRP B 36 -27.58 -10.74 13.55
CA TRP B 36 -27.60 -9.35 13.06
C TRP B 36 -27.17 -9.31 11.61
N GLN B 37 -27.81 -8.44 10.83
CA GLN B 37 -27.60 -8.42 9.39
C GLN B 37 -27.86 -7.06 8.76
N SER B 38 -27.37 -6.91 7.53
CA SER B 38 -27.82 -5.88 6.62
C SER B 38 -29.25 -6.20 6.14
N VAL B 39 -29.82 -5.34 5.31
CA VAL B 39 -31.15 -5.62 4.74
C VAL B 39 -31.14 -6.90 3.87
N THR B 40 -32.07 -7.82 4.12
CA THR B 40 -32.29 -8.98 3.21
C THR B 40 -33.77 -9.22 2.94
N GLY B 41 -34.05 -9.96 1.87
CA GLY B 41 -35.41 -10.37 1.58
C GLY B 41 -35.48 -11.17 0.32
N SER B 42 -36.61 -11.83 0.13
CA SER B 42 -36.85 -12.67 -1.05
C SER B 42 -37.14 -11.82 -2.25
N VAL B 43 -36.73 -12.30 -3.41
CA VAL B 43 -37.17 -11.70 -4.66
C VAL B 43 -38.49 -12.39 -5.02
N GLU B 44 -39.58 -11.62 -4.99
CA GLU B 44 -40.91 -12.19 -5.23
C GLU B 44 -41.17 -12.38 -6.73
N GLU B 45 -42.14 -13.23 -7.08
CA GLU B 45 -42.55 -13.35 -8.48
C GLU B 45 -42.93 -11.99 -9.04
N GLY B 46 -42.44 -11.68 -10.23
CA GLY B 46 -42.74 -10.42 -10.90
C GLY B 46 -41.83 -9.28 -10.51
N GLU B 47 -40.84 -9.59 -9.68
CA GLU B 47 -39.83 -8.62 -9.23
C GLU B 47 -38.48 -8.97 -9.79
N THR B 48 -37.73 -7.95 -10.22
CA THR B 48 -36.29 -8.10 -10.44
C THR B 48 -35.57 -7.92 -9.10
N ALA B 49 -34.30 -8.33 -9.04
CA ALA B 49 -33.49 -8.15 -7.82
C ALA B 49 -33.41 -6.68 -7.39
N PRO B 50 -33.08 -5.76 -8.34
CA PRO B 50 -33.10 -4.33 -7.95
C PRO B 50 -34.46 -3.86 -7.41
N GLN B 51 -35.56 -4.28 -8.04
CA GLN B 51 -36.93 -3.99 -7.55
C GLN B 51 -37.18 -4.52 -6.14
N ALA B 52 -36.71 -5.73 -5.88
CA ALA B 52 -36.82 -6.36 -4.54
C ALA B 52 -35.99 -5.61 -3.49
N ALA B 53 -34.76 -5.27 -3.86
CA ALA B 53 -33.83 -4.56 -3.00
C ALA B 53 -34.42 -3.22 -2.58
N MET B 54 -34.96 -2.49 -3.54
CA MET B 54 -35.58 -1.20 -3.24
C MET B 54 -36.82 -1.34 -2.35
N ARG B 55 -37.66 -2.35 -2.63
CA ARG B 55 -38.83 -2.65 -1.79
C ARG B 55 -38.45 -3.01 -0.35
N GLU B 56 -37.45 -3.88 -0.18
CA GLU B 56 -36.99 -4.29 1.16
C GLU B 56 -36.36 -3.15 1.95
N VAL B 57 -35.64 -2.27 1.28
CA VAL B 57 -35.11 -1.07 1.93
C VAL B 57 -36.27 -0.21 2.44
N LYS B 58 -37.31 -0.02 1.61
CA LYS B 58 -38.47 0.78 2.00
C LYS B 58 -39.24 0.13 3.16
N GLU B 59 -39.47 -1.17 3.04
CA GLU B 59 -40.25 -1.94 4.02
C GLU B 59 -39.54 -2.16 5.36
N GLU B 60 -38.24 -2.45 5.34
CA GLU B 60 -37.50 -2.83 6.55
C GLU B 60 -36.95 -1.65 7.35
N VAL B 61 -36.55 -0.60 6.64
CA VAL B 61 -35.90 0.56 7.29
C VAL B 61 -36.51 1.90 6.88
N THR B 62 -37.63 1.85 6.18
CA THR B 62 -38.43 3.05 5.82
C THR B 62 -37.61 4.12 5.07
N ILE B 63 -36.69 3.67 4.22
CA ILE B 63 -35.98 4.58 3.33
C ILE B 63 -36.52 4.38 1.91
N ASP B 64 -37.10 5.45 1.35
CA ASP B 64 -37.56 5.41 -0.04
C ASP B 64 -36.43 5.89 -0.96
N VAL B 65 -35.70 4.94 -1.54
CA VAL B 65 -34.47 5.22 -2.29
C VAL B 65 -34.71 6.17 -3.48
N VAL B 66 -35.74 5.87 -4.27
CA VAL B 66 -36.14 6.71 -5.41
C VAL B 66 -36.62 8.09 -4.95
N ALA B 67 -37.51 8.13 -3.95
CA ALA B 67 -38.03 9.41 -3.46
C ALA B 67 -36.92 10.29 -2.90
N GLU B 68 -35.93 9.68 -2.23
CA GLU B 68 -34.78 10.40 -1.69
C GLU B 68 -33.66 10.64 -2.72
N GLN B 69 -33.85 10.12 -3.94
CA GLN B 69 -32.85 10.21 -5.00
C GLN B 69 -31.49 9.66 -4.55
N LEU B 70 -31.51 8.55 -3.82
CA LEU B 70 -30.29 7.82 -3.47
C LEU B 70 -29.98 6.83 -4.60
N THR B 71 -28.80 6.23 -4.58
CA THR B 71 -28.44 5.27 -5.63
C THR B 71 -28.23 3.87 -5.06
N LEU B 72 -29.14 2.97 -5.40
CA LEU B 72 -28.99 1.57 -5.05
C LEU B 72 -27.98 0.99 -6.01
N ILE B 73 -26.83 0.58 -5.49
CA ILE B 73 -25.77 0.05 -6.35
C ILE B 73 -25.85 -1.46 -6.48
N ASP B 74 -25.90 -1.92 -7.73
CA ASP B 74 -25.89 -3.34 -8.03
C ASP B 74 -24.43 -3.80 -8.06
N CYS B 75 -24.05 -4.66 -7.11
CA CYS B 75 -22.67 -5.14 -6.97
C CYS B 75 -22.24 -6.15 -8.03
N GLN B 76 -23.20 -6.61 -8.84
CA GLN B 76 -22.97 -7.64 -9.83
C GLN B 76 -22.27 -8.86 -9.22
N ARG B 77 -22.80 -9.31 -8.08
CA ARG B 77 -22.29 -10.47 -7.37
C ARG B 77 -23.46 -11.30 -6.87
N THR B 78 -23.42 -12.60 -7.18
CA THR B 78 -24.46 -13.53 -6.76
C THR B 78 -23.74 -14.72 -6.13
N VAL B 79 -24.18 -15.10 -4.94
CA VAL B 79 -23.61 -16.26 -4.23
C VAL B 79 -24.72 -17.24 -3.85
N GLU B 80 -24.34 -18.46 -3.50
CA GLU B 80 -25.28 -19.47 -3.03
C GLU B 80 -24.76 -20.02 -1.70
N PHE B 81 -25.65 -20.17 -0.72
CA PHE B 81 -25.24 -20.72 0.56
C PHE B 81 -26.29 -21.67 1.11
N GLU B 82 -25.86 -22.53 2.05
CA GLU B 82 -26.78 -23.44 2.74
C GLU B 82 -27.64 -22.64 3.70
N ILE B 83 -28.96 -22.81 3.57
CA ILE B 83 -29.87 -22.21 4.54
C ILE B 83 -29.64 -22.83 5.93
N PHE B 84 -29.51 -21.97 6.94
CA PHE B 84 -29.37 -22.45 8.33
C PHE B 84 -30.44 -23.48 8.66
N SER B 85 -30.03 -24.61 9.25
CA SER B 85 -30.96 -25.68 9.58
C SER B 85 -32.19 -25.21 10.36
N HIS B 86 -31.98 -24.33 11.35
CA HIS B 86 -33.09 -23.83 12.18
C HIS B 86 -34.02 -22.83 11.48
N LEU B 87 -33.67 -22.41 10.26
CA LEU B 87 -34.46 -21.44 9.52
C LEU B 87 -35.05 -22.02 8.23
N ARG B 88 -34.74 -23.28 7.96
CA ARG B 88 -34.96 -23.92 6.65
C ARG B 88 -36.42 -24.28 6.35
N HIS B 89 -37.17 -24.56 7.41
CA HIS B 89 -38.57 -24.97 7.27
C HIS B 89 -39.49 -23.80 6.86
N ARG B 90 -38.91 -22.60 6.73
CA ARG B 90 -39.62 -21.44 6.19
C ARG B 90 -39.56 -21.39 4.67
N TYR B 91 -38.88 -22.38 4.09
CA TYR B 91 -38.81 -22.55 2.64
C TYR B 91 -39.54 -23.83 2.28
N ALA B 92 -39.94 -23.92 1.02
CA ALA B 92 -40.70 -25.07 0.53
C ALA B 92 -39.97 -26.39 0.78
N PRO B 93 -40.73 -27.50 0.94
CA PRO B 93 -40.10 -28.81 1.19
C PRO B 93 -39.01 -29.14 0.19
N GLY B 94 -37.86 -29.56 0.69
CA GLY B 94 -36.73 -29.94 -0.14
C GLY B 94 -35.74 -28.82 -0.41
N VAL B 95 -36.13 -27.59 -0.11
CA VAL B 95 -35.27 -26.43 -0.36
C VAL B 95 -34.21 -26.30 0.74
N THR B 96 -32.93 -26.31 0.36
CA THR B 96 -31.82 -26.16 1.33
C THR B 96 -30.78 -25.12 0.90
N ARG B 97 -30.78 -24.79 -0.38
CA ARG B 97 -29.84 -23.80 -0.94
C ARG B 97 -30.51 -22.45 -1.24
N ASN B 98 -29.87 -21.36 -0.81
CA ASN B 98 -30.37 -20.00 -1.13
C ASN B 98 -29.39 -19.25 -2.03
N THR B 99 -29.91 -18.58 -3.05
CA THR B 99 -29.09 -17.77 -3.95
C THR B 99 -29.36 -16.29 -3.67
N GLU B 100 -28.31 -15.52 -3.44
CA GLU B 100 -28.41 -14.15 -2.96
C GLU B 100 -27.66 -13.20 -3.88
N SER B 101 -28.35 -12.15 -4.33
CA SER B 101 -27.69 -11.09 -5.10
C SER B 101 -27.31 -9.91 -4.20
N TRP B 102 -26.15 -9.30 -4.46
CA TRP B 102 -25.63 -8.21 -3.61
C TRP B 102 -25.82 -6.81 -4.16
N PHE B 103 -26.16 -5.89 -3.25
CA PHE B 103 -26.36 -4.47 -3.52
C PHE B 103 -25.75 -3.69 -2.37
N CYS B 104 -25.40 -2.44 -2.64
CA CYS B 104 -25.02 -1.50 -1.59
C CYS B 104 -25.80 -0.19 -1.69
N LEU B 105 -25.88 0.53 -0.57
CA LEU B 105 -26.61 1.79 -0.50
C LEU B 105 -25.91 2.72 0.47
N ALA B 106 -25.37 3.81 -0.07
CA ALA B 106 -24.66 4.80 0.76
C ALA B 106 -25.61 5.94 1.10
N LEU B 107 -25.87 6.11 2.40
CA LEU B 107 -26.58 7.29 2.89
C LEU B 107 -25.55 8.38 3.14
N PRO B 108 -25.95 9.66 2.95
CA PRO B 108 -24.97 10.73 3.11
C PRO B 108 -24.43 10.77 4.54
N HIS B 109 -25.29 10.43 5.51
CA HIS B 109 -24.93 10.45 6.92
C HIS B 109 -25.66 9.31 7.61
N GLU B 110 -25.20 8.97 8.82
CA GLU B 110 -25.95 8.08 9.70
C GLU B 110 -27.25 8.78 10.07
N ARG B 111 -28.29 8.00 10.37
CA ARG B 111 -29.59 8.57 10.75
C ARG B 111 -30.35 7.64 11.70
N GLN B 112 -31.32 8.20 12.43
CA GLN B 112 -32.28 7.40 13.20
C GLN B 112 -33.04 6.53 12.21
N ILE B 113 -33.17 5.25 12.52
CA ILE B 113 -33.81 4.31 11.59
C ILE B 113 -35.16 3.88 12.13
N VAL B 114 -36.17 4.00 11.29
CA VAL B 114 -37.50 3.52 11.60
C VAL B 114 -37.58 2.10 11.03
N PHE B 115 -37.44 1.13 11.93
CA PHE B 115 -37.46 -0.29 11.59
C PHE B 115 -38.76 -0.93 12.04
N THR B 116 -39.26 -1.88 11.26
CA THR B 116 -40.58 -2.45 11.50
C THR B 116 -40.60 -3.98 11.49
N GLU B 117 -39.46 -4.59 11.17
CA GLU B 117 -39.37 -6.03 10.98
C GLU B 117 -38.16 -6.62 11.71
N HIS B 118 -37.40 -5.76 12.37
CA HIS B 118 -36.26 -6.17 13.18
C HIS B 118 -36.49 -5.73 14.63
N LEU B 119 -35.64 -6.20 15.53
CA LEU B 119 -35.77 -5.90 16.96
C LEU B 119 -35.03 -4.65 17.41
N ALA B 120 -33.99 -4.29 16.66
CA ALA B 120 -33.07 -3.22 17.01
C ALA B 120 -32.17 -2.93 15.83
N TYR B 121 -31.48 -1.79 15.87
CA TYR B 121 -30.44 -1.53 14.89
C TYR B 121 -29.25 -0.90 15.58
N LYS B 122 -28.08 -1.03 14.95
CA LYS B 122 -26.86 -0.37 15.37
C LYS B 122 -26.07 0.09 14.15
N TRP B 123 -25.43 1.25 14.26
CA TRP B 123 -24.45 1.70 13.29
C TRP B 123 -23.09 1.26 13.84
N LEU B 124 -22.42 0.39 13.08
CA LEU B 124 -21.16 -0.22 13.52
C LEU B 124 -20.07 0.00 12.49
N ASP B 125 -18.82 0.10 12.94
CA ASP B 125 -17.73 0.11 11.99
C ASP B 125 -17.73 -1.20 11.22
N ALA B 126 -17.30 -1.13 9.96
CA ALA B 126 -17.44 -2.25 9.02
C ALA B 126 -16.90 -3.59 9.55
N PRO B 127 -15.65 -3.63 10.05
CA PRO B 127 -15.10 -4.86 10.63
C PRO B 127 -15.96 -5.44 11.77
N ALA B 128 -16.37 -4.60 12.72
CA ALA B 128 -17.30 -4.98 13.80
C ALA B 128 -18.59 -5.60 13.23
N ALA B 129 -19.15 -4.93 12.24
CA ALA B 129 -20.35 -5.41 11.57
C ALA B 129 -20.12 -6.77 10.95
N ALA B 130 -19.00 -6.91 10.24
CA ALA B 130 -18.62 -8.15 9.56
C ALA B 130 -18.38 -9.29 10.55
N ALA B 131 -17.80 -8.97 11.70
CA ALA B 131 -17.55 -9.96 12.75
C ALA B 131 -18.81 -10.40 13.51
N LEU B 132 -19.78 -9.50 13.64
CA LEU B 132 -21.00 -9.74 14.42
C LEU B 132 -21.98 -10.65 13.69
N THR B 133 -22.11 -10.46 12.37
CA THR B 133 -23.11 -11.22 11.60
C THR B 133 -22.86 -12.73 11.58
N LYS B 134 -23.95 -13.50 11.61
CA LYS B 134 -23.87 -14.95 11.43
C LYS B 134 -23.66 -15.36 9.97
N SER B 135 -24.03 -14.48 9.03
CA SER B 135 -23.99 -14.81 7.61
C SER B 135 -22.62 -14.56 6.98
N TRP B 136 -22.01 -15.63 6.46
CA TRP B 136 -20.73 -15.50 5.78
C TRP B 136 -20.81 -14.61 4.55
N SER B 137 -21.94 -14.67 3.84
CA SER B 137 -22.14 -13.83 2.67
C SER B 137 -22.27 -12.34 3.04
N ASN B 138 -23.01 -12.05 4.12
CA ASN B 138 -23.09 -10.68 4.66
C ASN B 138 -21.70 -10.14 5.05
N ARG B 139 -20.93 -10.99 5.72
CA ARG B 139 -19.54 -10.66 6.07
C ARG B 139 -18.73 -10.37 4.81
N GLN B 140 -18.82 -11.24 3.81
CA GLN B 140 -18.04 -11.06 2.59
C GLN B 140 -18.45 -9.79 1.84
N ALA B 141 -19.75 -9.52 1.76
CA ALA B 141 -20.25 -8.29 1.11
C ALA B 141 -19.75 -7.00 1.78
N ILE B 142 -19.80 -6.96 3.11
CA ILE B 142 -19.25 -5.81 3.88
C ILE B 142 -17.75 -5.59 3.61
N GLU B 143 -17.01 -6.70 3.60
CA GLU B 143 -15.58 -6.65 3.33
C GLU B 143 -15.26 -6.10 1.94
N GLN B 144 -15.97 -6.59 0.92
CA GLN B 144 -15.74 -6.17 -0.47
C GLN B 144 -16.20 -4.75 -0.76
N PHE B 145 -17.38 -4.37 -0.29
CA PHE B 145 -17.94 -3.08 -0.73
C PHE B 145 -17.85 -1.94 0.28
N VAL B 146 -17.43 -2.26 1.49
CA VAL B 146 -17.16 -1.24 2.49
C VAL B 146 -15.70 -1.25 2.91
N ILE B 147 -15.23 -2.36 3.46
CA ILE B 147 -13.88 -2.40 4.06
C ILE B 147 -12.80 -2.22 3.02
N ASN B 148 -12.86 -3.02 1.96
CA ASN B 148 -11.82 -3.00 0.93
C ASN B 148 -12.16 -2.09 -0.24
N ALA B 149 -13.34 -1.48 -0.18
CA ALA B 149 -13.76 -0.47 -1.14
C ALA B 149 -14.72 0.51 -0.47
N TYR C 6 45.32 18.72 1.75
CA TYR C 6 43.85 18.82 1.56
C TYR C 6 43.31 17.70 0.67
N LYS C 7 41.99 17.49 0.75
CA LYS C 7 41.27 16.56 -0.10
C LYS C 7 41.22 17.17 -1.50
N ARG C 8 41.54 16.39 -2.53
CA ARG C 8 41.47 16.87 -3.91
C ARG C 8 40.04 16.78 -4.46
N PRO C 9 39.59 17.83 -5.18
CA PRO C 9 38.21 17.94 -5.66
C PRO C 9 37.95 17.22 -6.99
N VAL C 10 38.61 16.08 -7.18
CA VAL C 10 38.38 15.19 -8.32
C VAL C 10 38.20 13.79 -7.70
N SER C 11 37.06 13.17 -7.99
CA SER C 11 36.65 12.00 -7.24
C SER C 11 35.95 10.91 -8.08
N ILE C 12 35.70 9.79 -7.42
CA ILE C 12 35.06 8.65 -8.01
C ILE C 12 33.77 8.24 -7.28
N LEU C 13 32.80 7.70 -8.02
CA LEU C 13 31.62 7.08 -7.43
C LEU C 13 31.42 5.67 -7.97
N VAL C 14 31.30 4.69 -7.07
CA VAL C 14 31.10 3.31 -7.51
C VAL C 14 29.80 2.78 -6.93
N VAL C 15 28.77 2.72 -7.77
CA VAL C 15 27.51 2.14 -7.36
C VAL C 15 27.64 0.62 -7.40
N ILE C 16 27.69 0.02 -6.22
CA ILE C 16 27.73 -1.43 -6.08
C ILE C 16 26.30 -1.93 -5.89
N TYR C 17 25.95 -2.99 -6.62
CA TYR C 17 24.62 -3.59 -6.57
C TYR C 17 24.71 -5.11 -6.78
N ALA C 18 23.70 -5.83 -6.32
CA ALA C 18 23.63 -7.29 -6.51
C ALA C 18 22.88 -7.57 -7.80
N GLN C 19 23.48 -8.37 -8.69
CA GLN C 19 22.90 -8.58 -10.01
C GLN C 19 21.57 -9.35 -9.99
N ASP C 20 21.36 -10.15 -8.94
CA ASP C 20 20.17 -11.02 -8.85
C ASP C 20 18.93 -10.34 -8.25
N THR C 21 19.14 -9.39 -7.34
CA THR C 21 18.02 -8.68 -6.70
C THR C 21 18.00 -7.20 -7.08
N LYS C 22 19.08 -6.76 -7.73
CA LYS C 22 19.33 -5.34 -8.05
C LYS C 22 19.38 -4.43 -6.82
N ARG C 23 19.47 -5.03 -5.62
CA ARG C 23 19.61 -4.20 -4.41
C ARG C 23 20.95 -3.50 -4.40
N VAL C 24 20.98 -2.30 -3.85
CA VAL C 24 22.16 -1.43 -3.86
C VAL C 24 22.82 -1.42 -2.49
N LEU C 25 24.14 -1.53 -2.47
CA LEU C 25 24.91 -1.43 -1.24
C LEU C 25 24.99 0.02 -0.76
N MET C 26 24.31 0.33 0.33
CA MET C 26 24.30 1.67 0.89
C MET C 26 25.05 1.73 2.21
N LEU C 27 25.84 2.79 2.37
CA LEU C 27 26.82 2.94 3.45
C LEU C 27 26.60 4.23 4.21
N GLN C 28 26.48 4.11 5.54
CA GLN C 28 26.18 5.25 6.41
C GLN C 28 27.44 5.95 6.87
N ARG C 29 27.54 7.25 6.57
CA ARG C 29 28.72 8.04 6.92
C ARG C 29 28.80 8.29 8.43
N ARG C 30 30.01 8.42 8.95
CA ARG C 30 30.23 8.71 10.37
C ARG C 30 30.29 10.20 10.67
N ASP C 31 30.82 10.98 9.73
CA ASP C 31 30.89 12.45 9.85
C ASP C 31 29.55 13.14 9.64
N ASP C 32 28.65 12.44 8.94
CA ASP C 32 27.26 12.85 8.74
C ASP C 32 26.41 11.58 8.67
N PRO C 33 25.87 11.13 9.82
CA PRO C 33 25.08 9.89 9.95
C PRO C 33 23.76 9.86 9.17
N ASP C 34 23.36 11.01 8.63
CA ASP C 34 22.12 11.12 7.85
C ASP C 34 22.39 10.78 6.38
N PHE C 35 23.66 10.84 6.01
CA PHE C 35 24.13 10.68 4.65
C PHE C 35 24.46 9.20 4.42
N TRP C 36 23.64 8.52 3.62
CA TRP C 36 23.91 7.15 3.18
C TRP C 36 24.33 7.22 1.72
N GLN C 37 25.26 6.37 1.31
CA GLN C 37 25.86 6.48 -0.02
C GLN C 37 26.48 5.18 -0.52
N SER C 38 26.74 5.16 -1.83
CA SER C 38 27.59 4.18 -2.48
C SER C 38 29.07 4.50 -2.17
N VAL C 39 29.98 3.71 -2.74
CA VAL C 39 31.42 3.93 -2.55
C VAL C 39 31.87 5.22 -3.26
N THR C 40 32.60 6.07 -2.53
CA THR C 40 33.15 7.32 -3.08
C THR C 40 34.59 7.54 -2.59
N GLY C 41 35.34 8.38 -3.29
CA GLY C 41 36.72 8.69 -2.89
C GLY C 41 37.43 9.59 -3.89
N SER C 42 38.45 10.29 -3.42
CA SER C 42 39.25 11.16 -4.29
C SER C 42 40.19 10.33 -5.15
N VAL C 43 40.53 10.87 -6.33
CA VAL C 43 41.50 10.25 -7.22
C VAL C 43 42.85 10.80 -6.78
N GLU C 44 43.72 9.91 -6.29
CA GLU C 44 45.06 10.31 -5.83
C GLU C 44 45.96 10.69 -7.01
N GLU C 45 47.07 11.38 -6.73
CA GLU C 45 47.98 11.79 -7.79
C GLU C 45 48.63 10.58 -8.46
N GLY C 46 48.86 10.69 -9.77
CA GLY C 46 49.44 9.60 -10.55
C GLY C 46 48.46 8.49 -10.87
N GLU C 47 47.26 8.60 -10.29
CA GLU C 47 46.22 7.59 -10.38
C GLU C 47 45.19 7.95 -11.46
N THR C 48 44.66 6.93 -12.12
CA THR C 48 43.61 7.09 -13.11
C THR C 48 42.26 6.85 -12.42
N ALA C 49 41.16 7.30 -13.02
CA ALA C 49 39.84 7.15 -12.41
C ALA C 49 39.45 5.69 -12.14
N PRO C 50 39.60 4.79 -13.16
CA PRO C 50 39.43 3.37 -12.86
C PRO C 50 40.31 2.81 -11.75
N GLN C 51 41.54 3.31 -11.59
CA GLN C 51 42.41 2.83 -10.50
C GLN C 51 41.90 3.30 -9.15
N ALA C 52 41.54 4.57 -9.06
CA ALA C 52 40.94 5.15 -7.85
C ALA C 52 39.70 4.38 -7.42
N ALA C 53 38.86 4.06 -8.40
CA ALA C 53 37.61 3.31 -8.17
C ALA C 53 37.88 1.93 -7.58
N MET C 54 38.84 1.22 -8.14
CA MET C 54 39.20 -0.11 -7.63
C MET C 54 39.69 -0.05 -6.19
N ARG C 55 40.57 0.91 -5.92
CA ARG C 55 41.19 1.10 -4.61
C ARG C 55 40.17 1.40 -3.52
N GLU C 56 39.19 2.26 -3.82
CA GLU C 56 38.18 2.67 -2.85
C GLU C 56 37.20 1.56 -2.51
N VAL C 57 36.91 0.69 -3.49
CA VAL C 57 36.06 -0.46 -3.26
C VAL C 57 36.78 -1.46 -2.32
N LYS C 58 38.10 -1.63 -2.54
CA LYS C 58 38.95 -2.40 -1.62
C LYS C 58 38.96 -1.80 -0.21
N GLU C 59 39.12 -0.48 -0.14
CA GLU C 59 39.37 0.19 1.14
C GLU C 59 38.12 0.32 1.99
N GLU C 60 37.00 0.64 1.37
CA GLU C 60 35.77 0.94 2.09
C GLU C 60 34.93 -0.28 2.43
N VAL C 61 34.87 -1.25 1.52
CA VAL C 61 34.02 -2.44 1.72
C VAL C 61 34.76 -3.77 1.60
N THR C 62 36.09 -3.71 1.52
CA THR C 62 36.94 -4.90 1.53
C THR C 62 36.56 -5.89 0.42
N ILE C 63 36.21 -5.36 -0.75
CA ILE C 63 36.02 -6.17 -1.95
C ILE C 63 37.13 -5.84 -2.95
N ASP C 64 37.84 -6.86 -3.37
CA ASP C 64 38.94 -6.70 -4.30
C ASP C 64 38.45 -7.12 -5.69
N VAL C 65 38.25 -6.15 -6.57
CA VAL C 65 37.61 -6.42 -7.87
C VAL C 65 38.47 -7.30 -8.79
N VAL C 66 39.79 -7.10 -8.78
CA VAL C 66 40.66 -7.97 -9.56
C VAL C 66 40.85 -9.35 -8.93
N ALA C 67 40.91 -9.41 -7.59
CA ALA C 67 41.04 -10.68 -6.87
C ALA C 67 39.86 -11.60 -7.12
N GLU C 68 38.66 -11.10 -6.85
CA GLU C 68 37.45 -11.75 -7.31
C GLU C 68 37.44 -11.51 -8.82
N GLN C 69 36.67 -12.26 -9.58
CA GLN C 69 36.73 -11.99 -11.01
C GLN C 69 35.56 -11.15 -11.45
N LEU C 70 35.45 -9.98 -10.81
CA LEU C 70 34.37 -9.03 -11.03
C LEU C 70 34.76 -8.02 -12.10
N THR C 71 33.75 -7.32 -12.62
CA THR C 71 33.97 -6.37 -13.70
C THR C 71 33.47 -4.97 -13.30
N LEU C 72 34.43 -4.04 -13.19
CA LEU C 72 34.14 -2.65 -12.88
C LEU C 72 33.88 -1.90 -14.18
N ILE C 73 32.68 -1.35 -14.28
CA ILE C 73 32.24 -0.68 -15.51
C ILE C 73 32.33 0.84 -15.36
N ASP C 74 32.95 1.47 -16.36
CA ASP C 74 33.04 2.93 -16.45
C ASP C 74 31.77 3.42 -17.12
N CYS C 75 30.97 4.18 -16.37
CA CYS C 75 29.66 4.64 -16.83
C CYS C 75 29.79 5.76 -17.86
N GLN C 76 31.02 6.20 -18.10
CA GLN C 76 31.34 7.31 -19.01
C GLN C 76 30.54 8.57 -18.68
N ARG C 77 30.43 8.85 -17.38
CA ARG C 77 29.70 10.04 -16.89
C ARG C 77 30.53 10.77 -15.85
N THR C 78 30.66 12.06 -16.05
CA THR C 78 31.34 12.95 -15.12
C THR C 78 30.39 14.11 -14.84
N VAL C 79 30.15 14.39 -13.56
CA VAL C 79 29.35 15.55 -13.17
C VAL C 79 30.17 16.43 -12.24
N GLU C 80 29.72 17.66 -12.04
CA GLU C 80 30.35 18.56 -11.10
C GLU C 80 29.27 19.08 -10.17
N PHE C 81 29.58 19.12 -8.88
CA PHE C 81 28.62 19.59 -7.88
C PHE C 81 29.25 20.40 -6.76
N GLU C 82 28.42 21.24 -6.14
CA GLU C 82 28.84 22.05 -5.02
C GLU C 82 29.09 21.16 -3.82
N ILE C 83 30.30 21.24 -3.27
CA ILE C 83 30.67 20.53 -2.05
C ILE C 83 29.70 20.96 -0.94
N PHE C 84 29.13 20.00 -0.20
CA PHE C 84 28.25 20.33 0.92
C PHE C 84 28.95 21.31 1.86
N SER C 85 28.24 22.38 2.24
CA SER C 85 28.79 23.45 3.08
C SER C 85 29.57 22.93 4.29
N HIS C 86 29.01 21.91 4.93
CA HIS C 86 29.55 21.33 6.17
C HIS C 86 30.69 20.34 5.95
N LEU C 87 30.96 19.99 4.69
CA LEU C 87 32.03 19.05 4.34
C LEU C 87 33.24 19.74 3.68
N ARG C 88 33.11 21.04 3.45
CA ARG C 88 34.07 21.84 2.69
C ARG C 88 35.45 21.95 3.34
N HIS C 89 35.49 22.02 4.67
CA HIS C 89 36.73 22.16 5.47
C HIS C 89 37.85 21.21 5.06
N ARG C 90 37.48 20.08 4.46
CA ARG C 90 38.43 19.05 4.02
C ARG C 90 39.25 19.46 2.80
N TYR C 91 38.78 20.48 2.08
CA TYR C 91 39.42 20.96 0.85
C TYR C 91 40.21 22.26 1.08
N ALA C 92 41.04 22.63 0.10
CA ALA C 92 41.86 23.86 0.16
C ALA C 92 41.00 25.12 0.22
N PRO C 93 41.44 26.16 0.95
CA PRO C 93 40.69 27.41 0.95
C PRO C 93 40.41 27.87 -0.49
N GLY C 94 39.16 28.23 -0.75
CA GLY C 94 38.73 28.66 -2.09
C GLY C 94 38.01 27.57 -2.87
N VAL C 95 38.29 26.32 -2.54
CA VAL C 95 37.73 25.19 -3.26
C VAL C 95 36.29 24.86 -2.82
N THR C 96 35.36 24.90 -3.76
CA THR C 96 33.95 24.79 -3.46
C THR C 96 33.19 23.77 -4.34
N ARG C 97 33.85 23.30 -5.39
CA ARG C 97 33.22 22.38 -6.33
C ARG C 97 34.03 21.12 -6.58
N ASN C 98 33.31 20.01 -6.69
CA ASN C 98 33.91 18.69 -6.87
C ASN C 98 33.49 18.07 -8.19
N THR C 99 34.46 17.44 -8.85
CA THR C 99 34.22 16.76 -10.10
C THR C 99 34.21 15.26 -9.82
N GLU C 100 33.13 14.58 -10.21
CA GLU C 100 32.94 13.16 -9.92
C GLU C 100 32.72 12.33 -11.17
N SER C 101 33.42 11.19 -11.25
CA SER C 101 33.28 10.27 -12.37
C SER C 101 32.62 8.97 -11.90
N TRP C 102 31.65 8.47 -12.67
CA TRP C 102 30.80 7.36 -12.23
C TRP C 102 31.22 5.99 -12.72
N PHE C 103 31.10 5.02 -11.83
CA PHE C 103 31.38 3.62 -12.14
C PHE C 103 30.28 2.73 -11.53
N CYS C 104 30.11 1.53 -12.09
CA CYS C 104 29.14 0.57 -11.60
C CYS C 104 29.82 -0.77 -11.39
N LEU C 105 29.37 -1.50 -10.38
CA LEU C 105 29.98 -2.79 -10.01
C LEU C 105 28.91 -3.77 -9.57
N ALA C 106 28.73 -4.84 -10.33
CA ALA C 106 27.72 -5.85 -10.03
C ALA C 106 28.32 -7.05 -9.31
N LEU C 107 27.77 -7.37 -8.14
CA LEU C 107 28.16 -8.56 -7.38
C LEU C 107 27.15 -9.68 -7.65
N PRO C 108 27.60 -10.95 -7.61
CA PRO C 108 26.68 -12.03 -7.96
C PRO C 108 25.41 -12.02 -7.11
N HIS C 109 25.58 -11.84 -5.80
CA HIS C 109 24.47 -11.82 -4.85
C HIS C 109 24.79 -10.80 -3.76
N GLU C 110 23.84 -10.61 -2.85
CA GLU C 110 24.06 -9.80 -1.65
C GLU C 110 24.98 -10.57 -0.71
N ARG C 111 25.78 -9.83 0.05
CA ARG C 111 26.70 -10.45 1.01
C ARG C 111 26.87 -9.60 2.26
N GLN C 112 27.39 -10.24 3.31
CA GLN C 112 27.87 -9.53 4.49
C GLN C 112 29.02 -8.62 4.08
N ILE C 113 29.00 -7.39 4.56
CA ILE C 113 30.00 -6.41 4.17
C ILE C 113 30.89 -6.04 5.35
N VAL C 114 32.21 -6.14 5.13
CA VAL C 114 33.19 -5.60 6.07
C VAL C 114 33.52 -4.17 5.65
N PHE C 115 32.90 -3.22 6.35
CA PHE C 115 33.09 -1.80 6.09
C PHE C 115 34.07 -1.23 7.12
N THR C 116 34.94 -0.34 6.64
CA THR C 116 36.09 0.16 7.39
C THR C 116 35.92 1.60 7.85
N GLU C 117 35.23 2.40 7.03
CA GLU C 117 35.19 3.85 7.23
C GLU C 117 33.79 4.35 7.56
N HIS C 118 32.78 3.53 7.25
CA HIS C 118 31.39 3.90 7.45
C HIS C 118 30.85 3.36 8.77
N LEU C 119 29.68 3.83 9.18
CA LEU C 119 29.05 3.45 10.45
C LEU C 119 28.25 2.16 10.32
N ALA C 120 27.65 1.95 9.16
CA ALA C 120 26.79 0.81 8.91
C ALA C 120 26.63 0.57 7.42
N TYR C 121 26.06 -0.58 7.06
CA TYR C 121 25.69 -0.86 5.68
C TYR C 121 24.29 -1.47 5.62
N LYS C 122 23.70 -1.42 4.42
CA LYS C 122 22.33 -1.85 4.18
C LYS C 122 22.22 -2.23 2.70
N TRP C 123 21.64 -3.39 2.41
CA TRP C 123 21.24 -3.68 1.04
C TRP C 123 19.82 -3.17 0.86
N LEU C 124 19.65 -2.23 -0.06
CA LEU C 124 18.36 -1.60 -0.32
C LEU C 124 17.94 -1.75 -1.78
N ASP C 125 16.65 -1.96 -2.03
CA ASP C 125 16.15 -1.96 -3.41
C ASP C 125 16.53 -0.64 -4.04
N ALA C 126 16.97 -0.72 -5.29
CA ALA C 126 17.46 0.45 -6.02
C ALA C 126 16.57 1.70 -5.93
N PRO C 127 15.23 1.56 -6.13
CA PRO C 127 14.39 2.76 -5.93
C PRO C 127 14.53 3.41 -4.55
N ALA C 128 14.52 2.60 -3.48
CA ALA C 128 14.67 3.12 -2.11
C ALA C 128 16.07 3.68 -1.84
N ALA C 129 17.08 3.02 -2.40
CA ALA C 129 18.46 3.48 -2.29
C ALA C 129 18.64 4.86 -2.92
N ALA C 130 18.09 5.03 -4.12
CA ALA C 130 18.17 6.29 -4.86
C ALA C 130 17.49 7.43 -4.10
N ALA C 131 16.34 7.14 -3.50
CA ALA C 131 15.59 8.12 -2.71
C ALA C 131 16.31 8.54 -1.42
N LEU C 132 17.03 7.62 -0.82
CA LEU C 132 17.63 7.82 0.51
C LEU C 132 18.86 8.74 0.50
N THR C 133 19.73 8.58 -0.50
CA THR C 133 21.02 9.27 -0.51
C THR C 133 20.91 10.80 -0.55
N LYS C 134 21.66 11.48 0.32
CA LYS C 134 21.75 12.94 0.29
C LYS C 134 22.43 13.50 -0.95
N SER C 135 23.22 12.66 -1.62
CA SER C 135 23.96 13.05 -2.82
C SER C 135 23.10 12.88 -4.08
N TRP C 136 22.87 13.98 -4.80
CA TRP C 136 22.05 13.92 -6.01
C TRP C 136 22.72 13.10 -7.11
N SER C 137 24.04 13.21 -7.19
CA SER C 137 24.82 12.47 -8.17
C SER C 137 24.75 10.97 -7.92
N ASN C 138 24.76 10.58 -6.64
CA ASN C 138 24.60 9.19 -6.22
C ASN C 138 23.20 8.67 -6.57
N ARG C 139 22.19 9.51 -6.33
CA ARG C 139 20.81 9.18 -6.72
C ARG C 139 20.70 9.00 -8.23
N GLN C 140 21.19 10.00 -8.98
CA GLN C 140 21.13 9.94 -10.44
C GLN C 140 21.86 8.71 -11.01
N ALA C 141 23.03 8.39 -10.46
CA ALA C 141 23.80 7.24 -10.96
C ALA C 141 23.05 5.92 -10.75
N ILE C 142 22.38 5.78 -9.60
CA ILE C 142 21.55 4.61 -9.31
C ILE C 142 20.37 4.49 -10.27
N GLU C 143 19.64 5.59 -10.46
CA GLU C 143 18.49 5.63 -11.37
C GLU C 143 18.90 5.28 -12.80
N GLN C 144 20.00 5.87 -13.26
CA GLN C 144 20.44 5.73 -14.65
C GLN C 144 21.15 4.40 -14.94
N PHE C 145 21.85 3.85 -13.94
CA PHE C 145 22.68 2.68 -14.21
C PHE C 145 22.29 1.37 -13.52
N VAL C 146 21.33 1.44 -12.60
CA VAL C 146 20.78 0.25 -11.96
C VAL C 146 19.27 0.10 -12.23
N ILE C 147 18.48 1.10 -11.87
CA ILE C 147 17.05 1.07 -12.16
C ILE C 147 16.80 1.15 -13.67
N LYS D 7 -9.71 -28.33 -13.38
CA LYS D 7 -10.19 -29.30 -14.41
C LYS D 7 -9.29 -29.30 -15.64
N ARG D 8 -9.05 -28.11 -16.19
CA ARG D 8 -8.15 -27.90 -17.33
C ARG D 8 -6.77 -27.47 -16.83
N PRO D 9 -5.71 -28.20 -17.25
CA PRO D 9 -4.32 -27.88 -16.82
C PRO D 9 -3.68 -26.71 -17.58
N VAL D 10 -4.44 -25.63 -17.78
CA VAL D 10 -3.97 -24.47 -18.53
C VAL D 10 -4.33 -23.21 -17.75
N SER D 11 -3.32 -22.38 -17.48
CA SER D 11 -3.51 -21.24 -16.58
C SER D 11 -2.76 -19.99 -17.05
N ILE D 12 -3.02 -18.87 -16.37
CA ILE D 12 -2.28 -17.62 -16.60
C ILE D 12 -1.70 -17.04 -15.31
N LEU D 13 -0.71 -16.18 -15.50
CA LEU D 13 -0.13 -15.38 -14.42
C LEU D 13 -0.01 -13.95 -14.92
N VAL D 14 -0.46 -13.00 -14.11
CA VAL D 14 -0.25 -11.59 -14.41
C VAL D 14 0.47 -10.95 -13.24
N VAL D 15 1.74 -10.63 -13.47
CA VAL D 15 2.52 -9.88 -12.49
C VAL D 15 2.16 -8.40 -12.63
N ILE D 16 1.36 -7.93 -11.69
CA ILE D 16 1.01 -6.51 -11.64
C ILE D 16 2.02 -5.78 -10.77
N TYR D 17 2.51 -4.64 -11.28
CA TYR D 17 3.52 -3.85 -10.57
C TYR D 17 3.41 -2.36 -10.93
N ALA D 18 4.04 -1.51 -10.13
CA ALA D 18 4.01 -0.06 -10.33
C ALA D 18 5.21 0.39 -11.15
N GLN D 19 4.95 1.20 -12.18
CA GLN D 19 6.01 1.75 -13.04
C GLN D 19 6.94 2.70 -12.28
N ASP D 20 6.40 3.46 -11.33
CA ASP D 20 7.21 4.42 -10.59
C ASP D 20 8.11 3.81 -9.50
N THR D 21 7.54 3.00 -8.62
CA THR D 21 8.27 2.45 -7.47
C THR D 21 8.90 1.08 -7.76
N LYS D 22 8.49 0.48 -8.88
CA LYS D 22 8.86 -0.91 -9.25
C LYS D 22 8.36 -1.95 -8.24
N ARG D 23 7.41 -1.55 -7.39
CA ARG D 23 6.86 -2.45 -6.38
C ARG D 23 5.83 -3.41 -7.00
N VAL D 24 5.74 -4.61 -6.45
CA VAL D 24 4.86 -5.65 -6.99
C VAL D 24 3.63 -5.89 -6.11
N LEU D 25 2.46 -5.98 -6.74
CA LEU D 25 1.21 -6.23 -6.01
C LEU D 25 1.13 -7.67 -5.55
N MET D 26 1.17 -7.88 -4.24
CA MET D 26 1.08 -9.24 -3.71
C MET D 26 -0.20 -9.45 -2.94
N LEU D 27 -0.83 -10.59 -3.18
CA LEU D 27 -2.15 -10.90 -2.64
C LEU D 27 -2.09 -12.12 -1.73
N GLN D 28 -2.72 -12.04 -0.57
CA GLN D 28 -2.65 -13.09 0.43
C GLN D 28 -3.78 -14.11 0.24
N ARG D 29 -3.40 -15.35 -0.04
CA ARG D 29 -4.39 -16.43 -0.28
C ARG D 29 -5.27 -16.71 0.94
N ARG D 30 -6.50 -17.11 0.65
CA ARG D 30 -7.55 -17.33 1.65
C ARG D 30 -7.51 -18.77 2.19
N ASP D 31 -6.91 -19.67 1.43
CA ASP D 31 -6.76 -21.08 1.81
C ASP D 31 -5.43 -21.34 2.52
N ASP D 32 -4.44 -20.51 2.22
CA ASP D 32 -3.12 -20.56 2.86
C ASP D 32 -2.58 -19.12 3.02
N PRO D 33 -2.85 -18.49 4.18
CA PRO D 33 -2.41 -17.10 4.44
C PRO D 33 -0.89 -16.87 4.39
N ASP D 34 -0.12 -17.96 4.33
CA ASP D 34 1.33 -17.88 4.14
C ASP D 34 1.72 -17.75 2.67
N PHE D 35 0.75 -17.97 1.79
CA PHE D 35 0.95 -17.94 0.34
C PHE D 35 0.54 -16.58 -0.25
N TRP D 36 1.53 -15.79 -0.64
CA TRP D 36 1.31 -14.52 -1.33
C TRP D 36 1.66 -14.66 -2.80
N GLN D 37 0.82 -14.07 -3.66
CA GLN D 37 0.98 -14.27 -5.11
C GLN D 37 0.50 -13.09 -5.92
N SER D 38 0.87 -13.09 -7.20
CA SER D 38 0.28 -12.23 -8.19
C SER D 38 -1.06 -12.84 -8.62
N VAL D 39 -1.63 -12.34 -9.72
CA VAL D 39 -2.91 -12.82 -10.21
C VAL D 39 -2.71 -14.12 -11.00
N THR D 40 -3.42 -15.18 -10.60
CA THR D 40 -3.42 -16.45 -11.35
C THR D 40 -4.85 -16.90 -11.62
N GLY D 41 -5.01 -17.68 -12.68
CA GLY D 41 -6.34 -18.20 -13.05
C GLY D 41 -6.33 -19.21 -14.17
N SER D 42 -7.41 -19.96 -14.26
CA SER D 42 -7.59 -21.01 -15.26
C SER D 42 -8.02 -20.43 -16.62
N VAL D 43 -7.55 -21.05 -17.70
CA VAL D 43 -8.02 -20.65 -19.04
C VAL D 43 -9.24 -21.51 -19.34
N GLU D 44 -10.37 -20.85 -19.52
CA GLU D 44 -11.63 -21.56 -19.73
C GLU D 44 -11.86 -21.83 -21.22
N GLU D 45 -12.77 -22.76 -21.51
CA GLU D 45 -13.22 -23.02 -22.87
C GLU D 45 -13.57 -21.71 -23.59
N GLY D 46 -13.06 -21.53 -24.80
CA GLY D 46 -13.38 -20.35 -25.61
C GLY D 46 -12.61 -19.09 -25.24
N GLU D 47 -11.62 -19.25 -24.36
CA GLU D 47 -10.74 -18.14 -23.98
C GLU D 47 -9.32 -18.39 -24.49
N THR D 48 -8.70 -17.35 -25.05
CA THR D 48 -7.27 -17.36 -25.26
C THR D 48 -6.62 -17.05 -23.90
N ALA D 49 -5.31 -17.23 -23.80
CA ALA D 49 -4.57 -16.84 -22.59
C ALA D 49 -4.71 -15.34 -22.20
N PRO D 50 -4.53 -14.40 -23.18
CA PRO D 50 -4.79 -12.98 -22.87
C PRO D 50 -6.21 -12.71 -22.37
N GLN D 51 -7.21 -13.35 -22.97
CA GLN D 51 -8.61 -13.19 -22.58
C GLN D 51 -8.88 -13.68 -21.15
N ALA D 52 -8.27 -14.81 -20.80
CA ALA D 52 -8.34 -15.36 -19.44
C ALA D 52 -7.68 -14.42 -18.42
N ALA D 53 -6.54 -13.87 -18.80
CA ALA D 53 -5.81 -12.88 -17.96
C ALA D 53 -6.62 -11.61 -17.72
N MET D 54 -7.20 -11.05 -18.77
CA MET D 54 -8.06 -9.89 -18.64
C MET D 54 -9.22 -10.15 -17.66
N ARG D 55 -9.89 -11.31 -17.83
CA ARG D 55 -10.99 -11.69 -16.95
C ARG D 55 -10.55 -11.81 -15.50
N GLU D 56 -9.46 -12.56 -15.27
CA GLU D 56 -8.94 -12.83 -13.93
C GLU D 56 -8.54 -11.56 -13.19
N VAL D 57 -7.94 -10.60 -13.91
CA VAL D 57 -7.52 -9.33 -13.31
C VAL D 57 -8.76 -8.53 -12.86
N LYS D 58 -9.77 -8.49 -13.72
CA LYS D 58 -11.04 -7.81 -13.40
C LYS D 58 -11.73 -8.43 -12.18
N GLU D 59 -11.78 -9.77 -12.14
CA GLU D 59 -12.42 -10.50 -11.05
C GLU D 59 -11.70 -10.34 -9.71
N GLU D 60 -10.38 -10.54 -9.72
CA GLU D 60 -9.58 -10.60 -8.48
C GLU D 60 -9.27 -9.25 -7.84
N VAL D 61 -9.03 -8.24 -8.67
CA VAL D 61 -8.48 -6.97 -8.19
C VAL D 61 -9.27 -5.75 -8.70
N THR D 62 -10.43 -6.02 -9.30
CA THR D 62 -11.33 -4.97 -9.79
C THR D 62 -10.61 -3.95 -10.70
N ILE D 63 -9.76 -4.47 -11.57
CA ILE D 63 -9.10 -3.64 -12.58
C ILE D 63 -9.53 -4.11 -13.97
N ASP D 64 -10.18 -3.20 -14.69
CA ASP D 64 -10.68 -3.45 -16.05
C ASP D 64 -9.66 -2.88 -17.01
N VAL D 65 -8.77 -3.75 -17.49
CA VAL D 65 -7.59 -3.36 -18.26
C VAL D 65 -7.95 -2.63 -19.56
N VAL D 66 -8.96 -3.17 -20.24
CA VAL D 66 -9.49 -2.64 -21.49
C VAL D 66 -10.10 -1.24 -21.29
N ALA D 67 -10.95 -1.09 -20.28
CA ALA D 67 -11.58 0.19 -19.98
C ALA D 67 -10.57 1.25 -19.53
N GLU D 68 -9.54 0.82 -18.80
CA GLU D 68 -8.53 1.74 -18.29
C GLU D 68 -7.40 2.04 -19.29
N GLN D 69 -7.47 1.39 -20.45
CA GLN D 69 -6.47 1.53 -21.53
C GLN D 69 -5.07 1.15 -21.08
N LEU D 70 -5.02 0.22 -20.14
CA LEU D 70 -3.76 -0.34 -19.69
C LEU D 70 -3.31 -1.41 -20.67
N THR D 71 -2.00 -1.61 -20.75
CA THR D 71 -1.45 -2.64 -21.63
C THR D 71 -1.15 -3.89 -20.84
N LEU D 72 -1.72 -5.01 -21.29
CA LEU D 72 -1.41 -6.30 -20.69
C LEU D 72 -0.23 -6.83 -21.48
N ILE D 73 0.93 -6.78 -20.85
CA ILE D 73 2.17 -7.16 -21.50
C ILE D 73 2.22 -8.67 -21.59
N ASP D 74 2.35 -9.19 -22.81
CA ASP D 74 2.55 -10.60 -23.06
C ASP D 74 4.04 -10.89 -22.96
N CYS D 75 4.42 -11.71 -22.00
CA CYS D 75 5.83 -12.05 -21.79
C CYS D 75 6.36 -13.01 -22.86
N GLN D 76 5.45 -13.56 -23.67
CA GLN D 76 5.80 -14.61 -24.65
C GLN D 76 6.52 -15.78 -23.97
N ARG D 77 6.07 -16.08 -22.75
CA ARG D 77 6.66 -17.12 -21.92
C ARG D 77 5.59 -18.04 -21.37
N THR D 78 5.76 -19.35 -21.63
CA THR D 78 4.89 -20.35 -21.06
C THR D 78 5.74 -21.38 -20.28
N VAL D 79 5.38 -21.56 -19.01
CA VAL D 79 6.13 -22.43 -18.09
C VAL D 79 5.24 -23.59 -17.63
N GLU D 80 5.84 -24.75 -17.38
CA GLU D 80 5.11 -25.88 -16.81
C GLU D 80 5.46 -26.01 -15.34
N PHE D 81 4.43 -26.11 -14.49
CA PHE D 81 4.67 -26.50 -13.10
C PHE D 81 3.81 -27.67 -12.63
N GLU D 82 4.25 -28.30 -11.55
CA GLU D 82 3.60 -29.50 -11.05
C GLU D 82 2.36 -29.14 -10.24
N ILE D 83 1.26 -29.83 -10.58
CA ILE D 83 0.02 -29.69 -9.84
C ILE D 83 0.20 -30.36 -8.47
N PHE D 84 -0.03 -29.60 -7.40
CA PHE D 84 0.11 -30.13 -6.03
C PHE D 84 -0.69 -31.42 -5.88
N SER D 85 -0.14 -32.38 -5.13
CA SER D 85 -0.76 -33.69 -4.94
C SER D 85 -2.22 -33.64 -4.49
N HIS D 86 -2.53 -32.72 -3.58
CA HIS D 86 -3.89 -32.60 -3.03
C HIS D 86 -4.93 -32.02 -4.01
N LEU D 87 -4.48 -31.67 -5.21
CA LEU D 87 -5.39 -31.18 -6.28
C LEU D 87 -5.44 -32.10 -7.48
N ARG D 88 -4.53 -33.08 -7.54
CA ARG D 88 -4.33 -33.89 -8.73
C ARG D 88 -5.59 -34.61 -9.23
N HIS D 89 -6.42 -35.07 -8.31
CA HIS D 89 -7.61 -35.87 -8.64
C HIS D 89 -8.72 -35.05 -9.30
N ARG D 90 -8.60 -33.72 -9.26
CA ARG D 90 -9.58 -32.83 -9.89
C ARG D 90 -9.27 -32.53 -11.36
N TYR D 91 -8.17 -33.09 -11.84
CA TYR D 91 -7.83 -33.10 -13.26
C TYR D 91 -7.91 -34.55 -13.71
N ALA D 92 -8.08 -34.75 -15.02
CA ALA D 92 -8.09 -36.08 -15.62
C ALA D 92 -6.91 -36.93 -15.14
N PRO D 93 -7.17 -38.22 -14.83
CA PRO D 93 -6.11 -39.15 -14.43
C PRO D 93 -4.87 -39.11 -15.33
N GLY D 94 -3.70 -39.07 -14.72
CA GLY D 94 -2.44 -38.98 -15.46
C GLY D 94 -1.90 -37.55 -15.54
N VAL D 95 -2.79 -36.57 -15.38
CA VAL D 95 -2.44 -35.15 -15.49
C VAL D 95 -1.73 -34.69 -14.21
N THR D 96 -0.46 -34.34 -14.35
CA THR D 96 0.39 -33.99 -13.22
C THR D 96 1.00 -32.59 -13.34
N ARG D 97 0.83 -31.98 -14.50
CA ARG D 97 1.48 -30.71 -14.82
C ARG D 97 0.53 -29.65 -15.36
N ASN D 98 0.80 -28.40 -14.99
CA ASN D 98 0.03 -27.25 -15.44
C ASN D 98 0.86 -26.35 -16.33
N THR D 99 0.31 -25.94 -17.48
CA THR D 99 0.98 -24.94 -18.31
C THR D 99 0.44 -23.55 -18.01
N GLU D 100 1.37 -22.65 -17.68
CA GLU D 100 1.06 -21.28 -17.25
C GLU D 100 1.70 -20.28 -18.19
N SER D 101 0.89 -19.36 -18.72
CA SER D 101 1.36 -18.31 -19.62
C SER D 101 1.57 -17.03 -18.84
N TRP D 102 2.68 -16.37 -19.10
CA TRP D 102 3.09 -15.20 -18.30
C TRP D 102 2.68 -13.88 -18.93
N PHE D 103 2.15 -13.01 -18.07
CA PHE D 103 1.78 -11.65 -18.41
C PHE D 103 2.23 -10.71 -17.31
N CYS D 104 2.48 -9.45 -17.67
CA CYS D 104 2.71 -8.39 -16.72
C CYS D 104 1.71 -7.26 -16.93
N LEU D 105 1.47 -6.48 -15.90
CA LEU D 105 0.62 -5.31 -16.01
C LEU D 105 1.26 -4.18 -15.20
N ALA D 106 1.79 -3.19 -15.91
CA ALA D 106 2.49 -2.07 -15.28
C ALA D 106 1.53 -0.89 -15.10
N LEU D 107 1.16 -0.64 -13.85
CA LEU D 107 0.33 0.51 -13.51
C LEU D 107 1.23 1.73 -13.34
N PRO D 108 0.78 2.92 -13.81
CA PRO D 108 1.59 4.14 -13.74
C PRO D 108 2.04 4.46 -12.32
N HIS D 109 1.17 4.15 -11.35
CA HIS D 109 1.43 4.40 -9.93
C HIS D 109 0.81 3.31 -9.08
N GLU D 110 1.29 3.19 -7.84
CA GLU D 110 0.65 2.36 -6.84
C GLU D 110 -0.74 2.89 -6.53
N ARG D 111 -1.65 2.01 -6.16
CA ARG D 111 -3.00 2.44 -5.81
C ARG D 111 -3.68 1.51 -4.80
N GLN D 112 -4.83 1.95 -4.28
CA GLN D 112 -5.68 1.10 -3.48
C GLN D 112 -6.25 0.01 -4.37
N ILE D 113 -6.32 -1.20 -3.83
CA ILE D 113 -6.80 -2.36 -4.58
C ILE D 113 -8.05 -2.95 -3.93
N VAL D 114 -9.11 -3.03 -4.72
CA VAL D 114 -10.33 -3.69 -4.30
C VAL D 114 -10.19 -5.16 -4.65
N PHE D 115 -9.70 -5.94 -3.69
CA PHE D 115 -9.51 -7.39 -3.85
C PHE D 115 -10.76 -8.17 -3.42
N THR D 116 -10.94 -9.34 -4.01
CA THR D 116 -12.23 -10.06 -3.94
C THR D 116 -12.08 -11.54 -3.56
N GLU D 117 -10.89 -12.09 -3.77
CA GLU D 117 -10.63 -13.52 -3.60
C GLU D 117 -9.47 -13.78 -2.63
N HIS D 118 -8.90 -12.71 -2.09
CA HIS D 118 -7.76 -12.82 -1.18
C HIS D 118 -8.06 -12.18 0.18
N LEU D 119 -7.13 -12.36 1.12
CA LEU D 119 -7.30 -11.85 2.47
C LEU D 119 -6.79 -10.43 2.63
N ALA D 120 -5.74 -10.10 1.88
CA ALA D 120 -5.04 -8.82 2.02
C ALA D 120 -4.18 -8.58 0.77
N TYR D 121 -3.64 -7.37 0.66
CA TYR D 121 -2.71 -7.05 -0.39
C TYR D 121 -1.63 -6.11 0.12
N LYS D 122 -0.45 -6.20 -0.48
CA LYS D 122 0.66 -5.31 -0.17
C LYS D 122 1.42 -4.95 -1.43
N TRP D 123 1.87 -3.70 -1.48
CA TRP D 123 2.82 -3.30 -2.50
C TRP D 123 4.22 -3.53 -1.94
N LEU D 124 4.94 -4.51 -2.51
CA LEU D 124 6.27 -4.88 -2.02
C LEU D 124 7.39 -4.65 -3.03
N ASP D 125 8.56 -4.26 -2.54
CA ASP D 125 9.75 -4.16 -3.38
C ASP D 125 9.89 -5.46 -4.12
N ALA D 126 10.20 -5.39 -5.41
CA ALA D 126 10.28 -6.57 -6.27
C ALA D 126 11.07 -7.75 -5.67
N PRO D 127 12.30 -7.50 -5.17
CA PRO D 127 13.04 -8.64 -4.60
C PRO D 127 12.32 -9.26 -3.39
N ALA D 128 11.67 -8.44 -2.57
CA ALA D 128 10.96 -8.97 -1.40
C ALA D 128 9.80 -9.84 -1.81
N ALA D 129 9.14 -9.44 -2.89
CA ALA D 129 7.99 -10.16 -3.43
C ALA D 129 8.39 -11.51 -4.05
N ALA D 130 9.49 -11.51 -4.80
CA ALA D 130 10.03 -12.72 -5.40
C ALA D 130 10.44 -13.74 -4.34
N ALA D 131 11.00 -13.25 -3.24
CA ALA D 131 11.44 -14.11 -2.13
C ALA D 131 10.28 -14.69 -1.32
N LEU D 132 9.21 -13.91 -1.18
CA LEU D 132 8.06 -14.28 -0.33
C LEU D 132 7.15 -15.34 -0.95
N THR D 133 6.86 -15.20 -2.24
CA THR D 133 5.87 -16.06 -2.92
C THR D 133 6.21 -17.55 -2.81
N LYS D 134 5.18 -18.37 -2.66
CA LYS D 134 5.37 -19.82 -2.56
C LYS D 134 5.36 -20.49 -3.94
N SER D 135 5.11 -19.69 -4.97
CA SER D 135 5.11 -20.15 -6.35
C SER D 135 6.44 -19.79 -7.00
N TRP D 136 7.18 -20.81 -7.44
CA TRP D 136 8.49 -20.56 -8.06
C TRP D 136 8.33 -19.86 -9.40
N SER D 137 7.21 -20.10 -10.08
CA SER D 137 6.95 -19.47 -11.38
C SER D 137 6.62 -17.99 -11.21
N ASN D 138 5.85 -17.68 -10.17
CA ASN D 138 5.58 -16.30 -9.80
C ASN D 138 6.88 -15.55 -9.48
N ARG D 139 7.72 -16.15 -8.63
CA ARG D 139 9.05 -15.63 -8.34
C ARG D 139 9.86 -15.34 -9.60
N GLN D 140 9.92 -16.31 -10.50
CA GLN D 140 10.71 -16.26 -11.73
C GLN D 140 10.23 -15.18 -12.70
N ALA D 141 8.93 -14.98 -12.76
CA ALA D 141 8.35 -13.93 -13.60
C ALA D 141 8.69 -12.52 -13.09
N ILE D 142 8.67 -12.36 -11.76
CA ILE D 142 9.06 -11.11 -11.10
C ILE D 142 10.53 -10.79 -11.37
N GLU D 143 11.37 -11.81 -11.27
CA GLU D 143 12.79 -11.62 -11.46
C GLU D 143 13.13 -11.23 -12.90
N GLN D 144 12.47 -11.89 -13.85
CA GLN D 144 12.80 -11.74 -15.26
C GLN D 144 12.12 -10.56 -15.94
N PHE D 145 10.98 -10.12 -15.41
CA PHE D 145 10.19 -9.07 -16.07
C PHE D 145 9.89 -7.81 -15.25
N VAL D 146 10.26 -7.81 -13.96
CA VAL D 146 10.22 -6.56 -13.19
C VAL D 146 11.62 -6.17 -12.68
N ILE D 147 12.40 -7.15 -12.25
CA ILE D 147 13.76 -6.88 -11.73
C ILE D 147 14.75 -6.72 -12.88
N ASN D 148 14.86 -7.73 -13.74
CA ASN D 148 15.83 -7.67 -14.83
C ASN D 148 15.28 -7.02 -16.11
S SO4 E . 8.40 21.27 21.29
O1 SO4 E . 7.87 20.64 22.50
O2 SO4 E . 7.29 21.73 20.46
O3 SO4 E . 9.23 22.41 21.67
O4 SO4 E . 9.21 20.31 20.55
S SO4 F . -5.00 31.69 7.29
O1 SO4 F . -5.89 32.61 8.00
O2 SO4 F . -5.78 30.85 6.31
O3 SO4 F . -3.97 32.41 6.51
O4 SO4 F . -4.32 30.90 8.35
O11 PPV G . 9.07 20.90 15.70
P1 PPV G . 8.22 20.55 14.50
O21 PPV G . 7.91 21.70 13.58
O31 PPV G . 8.78 19.33 13.82
OPP PPV G . 6.79 20.09 15.15
P2 PPV G . 5.26 20.60 14.87
O12 PPV G . 5.20 21.14 13.46
O22 PPV G . 4.93 21.63 15.92
O32 PPV G . 4.46 19.36 15.07
S SO4 H . -39.99 -14.29 9.05
O1 SO4 H . -40.25 -14.06 10.47
O2 SO4 H . -38.62 -13.91 8.73
O3 SO4 H . -40.20 -15.71 8.74
O4 SO4 H . -40.92 -13.48 8.26
S SO4 I . -22.21 -22.89 2.36
O1 SO4 I . -23.13 -21.98 3.04
O2 SO4 I . -21.06 -22.16 1.83
O3 SO4 I . -21.79 -23.85 3.35
O4 SO4 I . -22.89 -23.59 1.26
O11 PPV J . -39.06 -12.80 3.97
P1 PPV J . -37.65 -12.46 3.56
O21 PPV J . -37.21 -13.17 2.30
O31 PPV J . -37.35 -10.98 3.63
OPP PPV J . -36.73 -13.10 4.71
P2 PPV J . -35.15 -12.85 4.87
O12 PPV J . -34.58 -13.09 3.49
O22 PPV J . -34.74 -13.88 5.90
O32 PPV J . -35.04 -11.43 5.36
O11 PPV K . 38.40 11.07 1.36
P1 PPV K . 38.07 10.64 -0.05
O21 PPV K . 37.85 11.78 -1.02
O31 PPV K . 38.98 9.57 -0.60
OPP PPV K . 36.62 9.92 0.08
P2 PPV K . 35.18 10.67 0.18
O12 PPV K . 35.06 11.52 -1.05
O22 PPV K . 35.23 11.43 1.49
O32 PPV K . 34.21 9.52 0.20
#